data_9HI2
#
_entry.id   9HI2
#
_cell.length_a   50.040
_cell.length_b   114.140
_cell.length_c   130.380
_cell.angle_alpha   90.000
_cell.angle_beta   90.000
_cell.angle_gamma   90.000
#
_symmetry.space_group_name_H-M   'C 2 2 21'
#
loop_
_entity.id
_entity.type
_entity.pdbx_description
1 polymer 'UDP-glucose 4-epimerase'
2 non-polymer '1,4-DIHYDRONICOTINAMIDE ADENINE DINUCLEOTIDE'
3 non-polymer '3-[[(5-cyclobutyl-1,2-oxazol-3-yl)carbamoylamino]methyl]benzenesulfonyl fluoride'
4 water water
#
_entity_poly.entity_id   1
_entity_poly.type   'polypeptide(L)'
_entity_poly.pdbx_seq_one_letter_code
;DPMAEKVLVTGGAGYIGSHTVLELLEAGYLPVVIDNFHNAFRGGGSLPESLRRVQELTGRSVEFEEMDILDQGALQRLFK
KYSFMAVIHFAGLKAVGESVQKPLDYYRVNLTGTIQLLEIMKAHGVKNLVFSSSATVYGNPQYLPLDEAHPTGGCTNPYG
KSKFFIEEMIRDLCQADKTWNAVLLRYFNPTGAHASGCIGEDPQGIPNNLMPYVSQVAIGRREALNVFGNDYDTEDGTGV
RDYIHVVDLAKGHIAALRKLKEQCGCRIYNLGTGTGYSVLQMVQAMEKASGKKIPYKVVARREGDVAACYANPSLAQEEL
GWTAALGLDRMCEDLWRWQKQNPSGFGS
;
_entity_poly.pdbx_strand_id   A
#
# COMPACT_ATOMS: atom_id res chain seq x y z
N ASP A 1 11.34 1.99 -28.48
CA ASP A 1 11.98 0.80 -27.86
C ASP A 1 11.21 0.47 -26.56
N PRO A 2 11.01 -0.83 -26.29
CA PRO A 2 10.25 -1.23 -25.09
C PRO A 2 10.77 -0.61 -23.78
N MET A 3 12.09 -0.50 -23.61
CA MET A 3 12.65 0.03 -22.36
C MET A 3 12.58 1.54 -22.28
N ALA A 4 12.17 2.21 -23.37
CA ALA A 4 11.86 3.64 -23.35
C ALA A 4 10.38 3.90 -23.11
N GLU A 5 9.54 2.86 -23.01
CA GLU A 5 8.14 3.06 -22.73
C GLU A 5 8.03 3.34 -21.26
N LYS A 6 6.85 3.81 -20.86
CA LYS A 6 6.59 4.34 -19.55
C LYS A 6 5.73 3.40 -18.71
N VAL A 7 5.84 3.57 -17.40
CA VAL A 7 5.00 2.91 -16.43
C VAL A 7 4.08 3.97 -15.84
N LEU A 8 2.77 3.80 -16.03
CA LEU A 8 1.82 4.67 -15.35
C LEU A 8 1.62 4.25 -13.91
N VAL A 9 1.74 5.20 -13.00
CA VAL A 9 1.54 4.97 -11.56
C VAL A 9 0.37 5.87 -11.16
N THR A 10 -0.80 5.28 -10.98
CA THR A 10 -1.91 6.09 -10.50
C THR A 10 -1.79 6.25 -8.99
N GLY A 11 -2.21 7.43 -8.48
CA GLY A 11 -2.03 7.72 -7.07
C GLY A 11 -0.58 7.74 -6.63
N GLY A 12 0.31 8.08 -7.54
CA GLY A 12 1.75 7.99 -7.30
C GLY A 12 2.31 9.06 -6.38
N ALA A 13 1.51 10.07 -6.00
CA ALA A 13 1.95 11.06 -5.06
C ALA A 13 1.80 10.64 -3.63
N GLY A 14 1.04 9.57 -3.36
CA GLY A 14 0.75 9.14 -2.01
C GLY A 14 1.87 8.35 -1.41
N TYR A 15 1.57 7.75 -0.27
CA TYR A 15 2.58 7.10 0.57
C TYR A 15 3.22 5.94 -0.16
N ILE A 16 2.45 4.89 -0.49
CA ILE A 16 3.06 3.72 -1.14
C ILE A 16 3.50 4.08 -2.55
N GLY A 17 2.68 4.87 -3.26
CA GLY A 17 2.99 5.24 -4.62
C GLY A 17 4.30 5.98 -4.77
N SER A 18 4.55 6.96 -3.89
CA SER A 18 5.78 7.76 -4.02
C SER A 18 7.01 6.86 -3.79
N HIS A 19 6.93 5.95 -2.84
CA HIS A 19 8.03 5.02 -2.61
C HIS A 19 8.20 4.11 -3.81
N THR A 20 7.08 3.70 -4.43
CA THR A 20 7.16 2.89 -5.63
C THR A 20 7.76 3.64 -6.80
N VAL A 21 7.42 4.91 -6.97
CA VAL A 21 8.05 5.76 -7.98
C VAL A 21 9.55 5.79 -7.76
N LEU A 22 9.99 6.00 -6.52
CA LEU A 22 11.44 5.99 -6.26
C LEU A 22 12.08 4.65 -6.65
N GLU A 23 11.44 3.53 -6.30
CA GLU A 23 12.00 2.23 -6.66
C GLU A 23 12.00 2.02 -8.16
N LEU A 24 10.97 2.46 -8.85
CA LEU A 24 10.97 2.38 -10.32
C LEU A 24 12.14 3.13 -10.91
N LEU A 25 12.37 4.34 -10.44
CA LEU A 25 13.48 5.14 -10.95
C LEU A 25 14.81 4.45 -10.71
N GLU A 26 15.00 3.94 -9.49
CA GLU A 26 16.25 3.29 -9.13
C GLU A 26 16.48 2.03 -9.94
N ALA A 27 15.42 1.36 -10.36
CA ALA A 27 15.44 0.13 -11.16
C ALA A 27 15.51 0.38 -12.65
N GLY A 28 15.51 1.63 -13.08
CA GLY A 28 15.68 1.92 -14.50
C GLY A 28 14.39 2.05 -15.28
N TYR A 29 13.24 2.09 -14.60
CA TYR A 29 11.96 2.35 -15.26
C TYR A 29 11.69 3.85 -15.33
N LEU A 30 10.77 4.22 -16.22
CA LEU A 30 10.43 5.60 -16.49
C LEU A 30 8.98 5.85 -16.06
N PRO A 31 8.76 6.40 -14.86
CA PRO A 31 7.37 6.53 -14.36
C PRO A 31 6.69 7.79 -14.85
N VAL A 32 5.39 7.65 -15.07
CA VAL A 32 4.48 8.77 -15.25
C VAL A 32 3.48 8.64 -14.13
N VAL A 33 3.32 9.69 -13.32
CA VAL A 33 2.42 9.64 -12.17
C VAL A 33 1.19 10.47 -12.48
N ILE A 34 0.02 9.95 -12.10
CA ILE A 34 -1.18 10.79 -12.02
C ILE A 34 -1.72 10.79 -10.60
N ASP A 35 -2.23 11.94 -10.20
CA ASP A 35 -2.81 12.06 -8.86
C ASP A 35 -3.68 13.31 -8.87
N ASN A 36 -4.77 13.28 -8.09
CA ASN A 36 -5.64 14.43 -7.97
C ASN A 36 -5.45 15.23 -6.69
N PHE A 37 -4.40 14.94 -5.91
CA PHE A 37 -4.12 15.63 -4.65
C PHE A 37 -5.22 15.46 -3.59
N HIS A 38 -6.10 14.47 -3.72
CA HIS A 38 -7.06 14.20 -2.66
C HIS A 38 -6.39 13.99 -1.33
N ASN A 39 -5.28 13.26 -1.31
CA ASN A 39 -4.60 12.92 -0.09
C ASN A 39 -3.10 13.02 -0.26
N ALA A 40 -2.62 14.02 -0.96
CA ALA A 40 -1.20 14.27 -1.15
C ALA A 40 -0.95 15.77 -1.12
N PHE A 41 0.26 16.14 -0.64
CA PHE A 41 0.60 17.53 -0.41
C PHE A 41 1.14 18.21 -1.66
N ARG A 42 0.65 19.41 -1.96
CA ARG A 42 1.12 20.18 -3.12
C ARG A 42 2.54 20.86 -3.05
N GLY A 45 6.48 23.24 -5.37
CA GLY A 45 6.73 23.32 -6.81
C GLY A 45 5.64 22.69 -7.67
N SER A 46 6.00 22.29 -8.91
CA SER A 46 5.08 21.75 -9.92
C SER A 46 4.87 20.23 -9.80
N LEU A 47 5.56 19.60 -8.90
CA LEU A 47 5.25 18.27 -8.49
C LEU A 47 4.60 18.27 -7.12
N PRO A 48 3.83 17.26 -6.80
CA PRO A 48 3.61 16.94 -5.40
C PRO A 48 4.93 16.93 -4.66
N GLU A 49 4.92 17.42 -3.43
CA GLU A 49 6.16 17.47 -2.67
C GLU A 49 6.85 16.12 -2.56
N SER A 50 6.09 15.06 -2.35
CA SER A 50 6.71 13.76 -2.23
C SER A 50 7.56 13.46 -3.46
N LEU A 51 7.03 13.76 -4.62
CA LEU A 51 7.71 13.45 -5.86
C LEU A 51 8.83 14.43 -6.13
N ARG A 52 8.68 15.69 -5.73
CA ARG A 52 9.79 16.64 -5.80
C ARG A 52 10.98 16.09 -5.02
N ARG A 53 10.72 15.55 -3.84
CA ARG A 53 11.76 14.95 -3.03
C ARG A 53 12.29 13.65 -3.63
N VAL A 54 11.42 12.82 -4.23
CA VAL A 54 11.92 11.64 -4.93
C VAL A 54 12.89 12.03 -6.05
N GLN A 55 12.57 13.08 -6.79
CA GLN A 55 13.51 13.55 -7.82
C GLN A 55 14.83 13.95 -7.20
N GLU A 56 14.80 14.63 -6.04
CA GLU A 56 16.07 15.07 -5.45
C GLU A 56 16.86 13.88 -4.96
N LEU A 57 16.18 12.89 -4.36
CA LEU A 57 16.84 11.71 -3.81
C LEU A 57 17.47 10.85 -4.89
N THR A 58 16.86 10.77 -6.06
CA THR A 58 17.33 9.89 -7.12
C THR A 58 18.17 10.61 -8.16
N GLY A 59 18.03 11.93 -8.27
CA GLY A 59 18.63 12.65 -9.38
C GLY A 59 17.97 12.39 -10.72
N ARG A 60 16.72 11.93 -10.70
CA ARG A 60 16.04 11.55 -11.93
C ARG A 60 14.66 12.19 -11.96
N SER A 61 14.14 12.35 -13.17
CA SER A 61 12.93 13.10 -13.45
C SER A 61 11.70 12.25 -13.26
N VAL A 62 10.66 12.84 -12.71
CA VAL A 62 9.35 12.19 -12.57
C VAL A 62 8.40 13.01 -13.45
N GLU A 63 7.73 12.34 -14.39
CA GLU A 63 6.66 12.98 -15.16
C GLU A 63 5.39 12.88 -14.37
N PHE A 64 4.62 13.94 -14.37
CA PHE A 64 3.45 14.01 -13.49
C PHE A 64 2.34 14.73 -14.21
N GLU A 65 1.10 14.22 -14.07
CA GLU A 65 -0.08 14.97 -14.50
C GLU A 65 -1.08 14.98 -13.37
N GLU A 66 -1.58 16.17 -13.05
CA GLU A 66 -2.63 16.30 -12.05
C GLU A 66 -3.97 15.99 -12.73
N MET A 67 -4.62 14.92 -12.30
CA MET A 67 -5.90 14.54 -12.88
C MET A 67 -6.54 13.48 -11.99
N ASP A 68 -7.83 13.25 -12.25
CA ASP A 68 -8.67 12.29 -11.52
C ASP A 68 -8.96 11.07 -12.38
N ILE A 69 -8.84 9.86 -11.79
CA ILE A 69 -9.17 8.66 -12.56
C ILE A 69 -10.65 8.61 -12.92
N LEU A 70 -11.50 9.44 -12.30
CA LEU A 70 -12.90 9.52 -12.68
C LEU A 70 -13.13 10.38 -13.93
N ASP A 71 -12.12 11.04 -14.44
CA ASP A 71 -12.22 11.99 -15.54
C ASP A 71 -11.88 11.22 -16.81
N GLN A 72 -12.92 10.76 -17.53
CA GLN A 72 -12.70 9.96 -18.73
C GLN A 72 -11.89 10.71 -19.78
N GLY A 73 -12.23 11.97 -20.03
CA GLY A 73 -11.48 12.72 -21.04
C GLY A 73 -10.01 12.83 -20.70
N ALA A 74 -9.70 13.01 -19.41
CA ALA A 74 -8.31 13.09 -19.00
C ALA A 74 -7.61 11.77 -19.19
N LEU A 75 -8.29 10.65 -18.92
CA LEU A 75 -7.67 9.34 -19.17
C LEU A 75 -7.38 9.17 -20.66
N GLN A 76 -8.30 9.61 -21.52
CA GLN A 76 -8.08 9.51 -22.97
CA GLN A 76 -8.09 9.52 -22.97
C GLN A 76 -6.88 10.35 -23.39
N ARG A 77 -6.80 11.59 -22.92
CA ARG A 77 -5.64 12.42 -23.27
C ARG A 77 -4.33 11.81 -22.79
N LEU A 78 -4.33 11.27 -21.58
CA LEU A 78 -3.13 10.69 -20.99
C LEU A 78 -2.63 9.51 -21.82
N PHE A 79 -3.52 8.57 -22.14
CA PHE A 79 -3.11 7.36 -22.86
C PHE A 79 -2.73 7.68 -24.31
N LYS A 80 -3.21 8.79 -24.87
CA LYS A 80 -2.71 9.24 -26.18
C LYS A 80 -1.36 9.92 -26.09
N LYS A 81 -1.09 10.63 -25.00
CA LYS A 81 0.16 11.38 -24.92
C LYS A 81 1.34 10.48 -24.63
N TYR A 82 1.14 9.43 -23.83
CA TYR A 82 2.24 8.60 -23.40
C TYR A 82 2.06 7.19 -23.94
N SER A 83 3.18 6.48 -24.07
CA SER A 83 3.17 5.06 -24.45
CA SER A 83 3.18 5.06 -24.46
C SER A 83 3.46 4.25 -23.21
N PHE A 84 2.43 3.64 -22.64
CA PHE A 84 2.57 2.87 -21.40
C PHE A 84 2.79 1.38 -21.70
N MET A 85 3.76 0.78 -21.00
CA MET A 85 3.96 -0.67 -21.01
C MET A 85 3.05 -1.38 -20.01
N ALA A 86 2.61 -0.68 -18.96
CA ALA A 86 1.84 -1.25 -17.85
C ALA A 86 1.38 -0.11 -16.96
N VAL A 87 0.47 -0.46 -16.06
CA VAL A 87 -0.11 0.46 -15.10
C VAL A 87 0.01 -0.18 -13.72
N ILE A 88 0.49 0.59 -12.75
CA ILE A 88 0.45 0.24 -11.33
C ILE A 88 -0.57 1.17 -10.66
N HIS A 89 -1.61 0.56 -10.10
CA HIS A 89 -2.82 1.30 -9.71
C HIS A 89 -2.93 1.45 -8.20
N PHE A 90 -2.55 2.63 -7.68
CA PHE A 90 -2.73 2.94 -6.27
C PHE A 90 -3.85 3.93 -6.02
N ALA A 91 -4.31 4.65 -7.03
CA ALA A 91 -5.32 5.70 -6.80
C ALA A 91 -6.59 5.13 -6.21
N GLY A 92 -7.03 5.70 -5.09
CA GLY A 92 -8.23 5.21 -4.44
C GLY A 92 -8.28 5.82 -3.07
N LEU A 93 -9.43 5.60 -2.41
CA LEU A 93 -9.64 5.98 -1.03
C LEU A 93 -9.36 4.74 -0.19
N LYS A 94 -8.73 4.94 0.98
CA LYS A 94 -8.17 3.79 1.68
C LYS A 94 -8.26 3.83 3.19
N ALA A 95 -8.95 4.81 3.78
CA ALA A 95 -9.08 4.87 5.23
C ALA A 95 -10.26 4.01 5.66
N VAL A 96 -9.95 2.92 6.34
CA VAL A 96 -10.98 1.96 6.72
C VAL A 96 -12.10 2.64 7.50
N GLY A 97 -11.76 3.43 8.52
CA GLY A 97 -12.79 4.08 9.31
C GLY A 97 -13.60 5.09 8.55
N GLU A 98 -12.97 5.81 7.61
CA GLU A 98 -13.73 6.76 6.80
C GLU A 98 -14.76 6.06 5.95
N SER A 99 -14.44 4.85 5.47
CA SER A 99 -15.29 4.17 4.51
C SER A 99 -16.62 3.81 5.11
N VAL A 100 -16.65 3.62 6.43
CA VAL A 100 -17.91 3.31 7.11
C VAL A 100 -18.84 4.52 7.11
N GLN A 101 -18.29 5.71 7.19
CA GLN A 101 -19.03 6.95 7.23
C GLN A 101 -19.44 7.52 5.87
N LYS A 102 -18.61 7.31 4.83
CA LYS A 102 -18.90 7.82 3.50
C LYS A 102 -18.69 6.69 2.48
N PRO A 103 -19.48 5.62 2.60
CA PRO A 103 -19.27 4.49 1.69
C PRO A 103 -19.41 4.81 0.22
N LEU A 104 -20.37 5.65 -0.13
CA LEU A 104 -20.56 5.88 -1.56
C LEU A 104 -19.34 6.54 -2.21
N ASP A 105 -18.62 7.38 -1.48
CA ASP A 105 -17.40 7.94 -2.03
C ASP A 105 -16.40 6.83 -2.33
N TYR A 106 -16.24 5.89 -1.39
CA TYR A 106 -15.35 4.75 -1.58
C TYR A 106 -15.75 3.93 -2.80
N TYR A 107 -17.04 3.62 -2.94
CA TYR A 107 -17.45 2.82 -4.08
C TYR A 107 -17.29 3.60 -5.39
N ARG A 108 -17.62 4.88 -5.39
CA ARG A 108 -17.45 5.68 -6.60
C ARG A 108 -15.98 5.75 -7.02
N VAL A 109 -15.11 6.22 -6.12
CA VAL A 109 -13.70 6.38 -6.51
C VAL A 109 -13.10 5.01 -6.84
N ASN A 110 -13.29 4.05 -5.95
CA ASN A 110 -12.56 2.80 -6.10
C ASN A 110 -13.14 1.95 -7.21
N LEU A 111 -14.47 1.80 -7.24
CA LEU A 111 -15.05 0.92 -8.26
C LEU A 111 -15.16 1.62 -9.62
N THR A 112 -15.83 2.77 -9.66
CA THR A 112 -16.00 3.45 -10.95
C THR A 112 -14.66 3.91 -11.50
N GLY A 113 -13.79 4.42 -10.64
CA GLY A 113 -12.46 4.83 -11.10
C GLY A 113 -11.71 3.65 -11.68
N THR A 114 -11.73 2.50 -11.00
CA THR A 114 -11.00 1.34 -11.53
C THR A 114 -11.63 0.87 -12.82
N ILE A 115 -12.96 0.82 -12.89
CA ILE A 115 -13.60 0.41 -14.15
C ILE A 115 -13.16 1.31 -15.29
N GLN A 116 -13.18 2.62 -15.06
CA GLN A 116 -12.78 3.57 -16.12
C GLN A 116 -11.32 3.35 -16.54
N LEU A 117 -10.44 3.07 -15.57
CA LEU A 117 -9.04 2.76 -15.87
C LEU A 117 -8.94 1.50 -16.72
N LEU A 118 -9.62 0.42 -16.31
CA LEU A 118 -9.60 -0.80 -17.09
C LEU A 118 -10.10 -0.56 -18.51
N GLU A 119 -11.17 0.24 -18.67
CA GLU A 119 -11.71 0.47 -20.00
C GLU A 119 -10.73 1.22 -20.89
N ILE A 120 -10.04 2.24 -20.35
CA ILE A 120 -9.08 2.98 -21.17
C ILE A 120 -7.85 2.13 -21.47
N MET A 121 -7.44 1.28 -20.53
CA MET A 121 -6.35 0.37 -20.78
C MET A 121 -6.70 -0.60 -21.90
N LYS A 122 -7.91 -1.17 -21.85
CA LYS A 122 -8.36 -2.06 -22.91
C LYS A 122 -8.32 -1.35 -24.27
N ALA A 123 -8.87 -0.14 -24.33
CA ALA A 123 -9.00 0.60 -25.59
C ALA A 123 -7.66 0.89 -26.21
N HIS A 124 -6.65 1.12 -25.38
CA HIS A 124 -5.31 1.48 -25.84
C HIS A 124 -4.35 0.31 -25.91
N GLY A 125 -4.81 -0.92 -25.70
CA GLY A 125 -3.99 -2.11 -25.75
C GLY A 125 -2.92 -2.18 -24.68
N VAL A 126 -3.20 -1.60 -23.49
CA VAL A 126 -2.25 -1.65 -22.38
C VAL A 126 -2.86 -2.63 -21.39
N LYS A 127 -2.81 -3.92 -21.68
CA LYS A 127 -3.52 -4.93 -20.88
C LYS A 127 -2.60 -5.58 -19.88
N ASN A 128 -1.95 -4.72 -19.08
CA ASN A 128 -0.89 -5.12 -18.16
C ASN A 128 -1.01 -4.28 -16.91
N LEU A 129 -1.50 -4.89 -15.82
CA LEU A 129 -1.94 -4.20 -14.62
C LEU A 129 -1.27 -4.76 -13.37
N VAL A 130 -0.70 -3.90 -12.52
CA VAL A 130 -0.41 -4.28 -11.14
C VAL A 130 -1.44 -3.59 -10.25
N PHE A 131 -2.28 -4.35 -9.59
CA PHE A 131 -3.30 -3.77 -8.70
C PHE A 131 -2.81 -3.89 -7.26
N SER A 132 -2.76 -2.75 -6.54
CA SER A 132 -2.34 -2.77 -5.16
C SER A 132 -3.58 -3.08 -4.33
N SER A 133 -3.70 -4.30 -3.89
CA SER A 133 -4.90 -4.76 -3.22
C SER A 133 -4.70 -4.70 -1.71
N SER A 134 -5.50 -5.46 -0.95
CA SER A 134 -5.44 -5.49 0.50
C SER A 134 -5.73 -6.89 0.97
N ALA A 135 -4.94 -7.38 1.94
CA ALA A 135 -5.16 -8.67 2.55
C ALA A 135 -6.41 -8.69 3.43
N THR A 136 -7.06 -7.55 3.65
CA THR A 136 -8.35 -7.55 4.32
C THR A 136 -9.36 -8.32 3.51
N VAL A 137 -9.10 -8.64 2.22
CA VAL A 137 -10.04 -9.42 1.46
C VAL A 137 -10.21 -10.82 2.01
N TYR A 138 -9.23 -11.30 2.78
CA TYR A 138 -9.36 -12.63 3.42
C TYR A 138 -10.39 -12.64 4.55
N GLY A 139 -10.77 -11.47 5.06
CA GLY A 139 -11.66 -11.39 6.22
C GLY A 139 -10.99 -11.99 7.45
N ASN A 140 -11.77 -12.47 8.36
CA ASN A 140 -11.20 -13.01 9.59
C ASN A 140 -10.48 -14.31 9.28
N PRO A 141 -9.27 -14.52 9.80
CA PRO A 141 -8.56 -15.74 9.47
C PRO A 141 -9.31 -16.99 9.87
N GLN A 142 -9.40 -17.94 8.92
CA GLN A 142 -9.90 -19.27 9.20
C GLN A 142 -8.75 -20.23 9.49
N TYR A 143 -7.53 -19.80 9.18
CA TYR A 143 -6.29 -20.49 9.50
C TYR A 143 -5.18 -19.47 9.30
N LEU A 144 -4.00 -19.78 9.82
CA LEU A 144 -2.85 -18.90 9.76
C LEU A 144 -1.60 -19.71 9.43
N PRO A 145 -0.65 -19.11 8.73
CA PRO A 145 -0.73 -17.78 8.11
C PRO A 145 -1.69 -17.81 6.91
N LEU A 146 -2.21 -16.64 6.52
CA LEU A 146 -3.12 -16.56 5.40
C LEU A 146 -2.37 -16.76 4.09
N ASP A 147 -2.73 -17.75 3.30
CA ASP A 147 -2.15 -17.92 1.98
C ASP A 147 -3.19 -17.59 0.90
N GLU A 148 -2.77 -17.68 -0.36
CA GLU A 148 -3.63 -17.26 -1.45
C GLU A 148 -4.82 -18.19 -1.66
N ALA A 149 -4.79 -19.39 -1.08
CA ALA A 149 -5.93 -20.29 -1.18
C ALA A 149 -7.00 -20.00 -0.14
N HIS A 150 -6.71 -19.13 0.83
CA HIS A 150 -7.67 -18.86 1.89
C HIS A 150 -8.91 -18.21 1.29
N PRO A 151 -10.10 -18.48 1.84
CA PRO A 151 -11.30 -17.79 1.34
C PRO A 151 -11.17 -16.28 1.35
N THR A 152 -11.80 -15.65 0.35
CA THR A 152 -11.87 -14.20 0.29
C THR A 152 -13.32 -13.77 0.20
N GLY A 153 -13.57 -12.51 0.58
CA GLY A 153 -14.91 -11.95 0.55
C GLY A 153 -15.55 -11.78 1.91
N GLY A 154 -14.89 -12.14 3.01
CA GLY A 154 -15.56 -12.01 4.29
C GLY A 154 -15.75 -10.59 4.83
N CYS A 155 -15.03 -9.61 4.31
CA CYS A 155 -14.84 -8.36 5.04
C CYS A 155 -16.14 -7.59 5.16
N THR A 156 -16.30 -6.89 6.28
CA THR A 156 -17.53 -6.18 6.55
C THR A 156 -17.41 -4.67 6.46
N ASN A 157 -16.24 -4.12 6.16
CA ASN A 157 -16.26 -2.69 6.01
C ASN A 157 -16.19 -2.30 4.54
N PRO A 158 -16.69 -1.11 4.20
CA PRO A 158 -16.82 -0.75 2.78
C PRO A 158 -15.50 -0.68 2.03
N TYR A 159 -14.44 -0.19 2.67
CA TYR A 159 -13.15 -0.22 2.00
C TYR A 159 -12.73 -1.63 1.59
N GLY A 160 -12.74 -2.55 2.54
CA GLY A 160 -12.32 -3.91 2.25
C GLY A 160 -13.19 -4.55 1.17
N LYS A 161 -14.51 -4.30 1.24
CA LYS A 161 -15.39 -4.79 0.20
C LYS A 161 -14.98 -4.24 -1.15
N SER A 162 -14.70 -2.92 -1.22
CA SER A 162 -14.36 -2.34 -2.52
C SER A 162 -13.11 -3.01 -3.11
N LYS A 163 -12.15 -3.34 -2.26
CA LYS A 163 -10.93 -3.97 -2.76
C LYS A 163 -11.22 -5.37 -3.28
N PHE A 164 -12.04 -6.13 -2.57
CA PHE A 164 -12.47 -7.45 -3.03
C PHE A 164 -13.24 -7.34 -4.36
N PHE A 165 -14.18 -6.39 -4.46
CA PHE A 165 -14.96 -6.25 -5.68
C PHE A 165 -14.04 -5.93 -6.87
N ILE A 166 -13.01 -5.08 -6.66
CA ILE A 166 -12.05 -4.77 -7.73
C ILE A 166 -11.28 -6.02 -8.13
N GLU A 167 -10.80 -6.80 -7.14
CA GLU A 167 -10.12 -8.04 -7.46
C GLU A 167 -10.99 -8.91 -8.37
N GLU A 168 -12.25 -9.07 -7.99
CA GLU A 168 -13.13 -9.94 -8.74
C GLU A 168 -13.36 -9.41 -10.14
N MET A 169 -13.56 -8.10 -10.30
CA MET A 169 -13.72 -7.55 -11.64
C MET A 169 -12.49 -7.85 -12.50
N ILE A 170 -11.29 -7.68 -11.93
CA ILE A 170 -10.07 -7.95 -12.72
C ILE A 170 -9.96 -9.44 -13.06
N ARG A 171 -10.28 -10.31 -12.11
CA ARG A 171 -10.24 -11.74 -12.37
C ARG A 171 -11.19 -12.10 -13.50
N ASP A 172 -12.38 -11.54 -13.49
CA ASP A 172 -13.37 -11.87 -14.52
C ASP A 172 -12.97 -11.31 -15.86
N LEU A 173 -12.39 -10.12 -15.89
CA LEU A 173 -11.83 -9.57 -17.11
C LEU A 173 -10.75 -10.48 -17.71
N CYS A 174 -9.83 -10.94 -16.88
CA CYS A 174 -8.78 -11.83 -17.36
C CYS A 174 -9.34 -13.15 -17.88
N GLN A 175 -10.37 -13.67 -17.23
CA GLN A 175 -11.01 -14.89 -17.71
C GLN A 175 -11.61 -14.66 -19.07
N ALA A 176 -12.22 -13.51 -19.28
CA ALA A 176 -12.87 -13.23 -20.56
C ALA A 176 -11.92 -12.83 -21.68
N ASP A 177 -10.70 -12.41 -21.35
CA ASP A 177 -9.71 -11.99 -22.34
C ASP A 177 -8.35 -12.47 -21.84
N LYS A 178 -7.92 -13.59 -22.40
CA LYS A 178 -6.69 -14.25 -21.96
C LYS A 178 -5.46 -13.45 -22.32
N THR A 179 -5.58 -12.38 -23.11
CA THR A 179 -4.42 -11.53 -23.42
C THR A 179 -4.09 -10.56 -22.30
N TRP A 180 -4.99 -10.39 -21.34
CA TRP A 180 -4.69 -9.52 -20.19
C TRP A 180 -3.71 -10.22 -19.28
N ASN A 181 -2.86 -9.43 -18.66
CA ASN A 181 -1.99 -9.84 -17.56
C ASN A 181 -2.25 -8.91 -16.40
N ALA A 182 -2.43 -9.48 -15.24
CA ALA A 182 -2.68 -8.67 -14.05
C ALA A 182 -2.07 -9.36 -12.87
N VAL A 183 -1.46 -8.60 -11.99
CA VAL A 183 -0.94 -9.12 -10.74
C VAL A 183 -1.62 -8.36 -9.61
N LEU A 184 -2.31 -9.08 -8.72
CA LEU A 184 -3.01 -8.50 -7.59
C LEU A 184 -2.17 -8.75 -6.36
N LEU A 185 -1.73 -7.67 -5.70
CA LEU A 185 -0.84 -7.77 -4.56
C LEU A 185 -1.62 -7.50 -3.28
N ARG A 186 -1.63 -8.48 -2.38
CA ARG A 186 -2.38 -8.39 -1.13
C ARG A 186 -1.41 -8.20 0.02
N TYR A 187 -1.63 -7.20 0.86
CA TYR A 187 -0.78 -6.91 2.00
C TYR A 187 -1.62 -6.21 3.04
N PHE A 188 -1.06 -6.13 4.25
CA PHE A 188 -1.75 -5.57 5.41
C PHE A 188 -1.32 -4.14 5.64
N ASN A 189 -0.49 -3.86 6.62
CA ASN A 189 -0.26 -2.49 7.04
C ASN A 189 1.10 -1.99 6.61
N PRO A 190 1.19 -1.06 5.67
CA PRO A 190 2.51 -0.51 5.29
C PRO A 190 3.01 0.44 6.36
N THR A 191 4.30 0.37 6.66
CA THR A 191 4.90 1.27 7.63
C THR A 191 6.35 1.52 7.26
N GLY A 192 7.06 2.21 8.14
CA GLY A 192 8.41 2.66 7.77
C GLY A 192 8.39 3.79 6.76
N ALA A 193 9.56 4.03 6.18
CA ALA A 193 9.77 5.12 5.22
C ALA A 193 11.09 4.88 4.53
N HIS A 194 11.28 5.55 3.41
CA HIS A 194 12.59 5.53 2.77
C HIS A 194 13.67 5.89 3.79
N ALA A 195 14.82 5.24 3.69
CA ALA A 195 15.86 5.38 4.70
C ALA A 195 16.45 6.80 4.80
N SER A 196 16.29 7.61 3.79
CA SER A 196 16.75 8.99 3.87
C SER A 196 15.99 9.76 4.93
N GLY A 197 14.75 9.36 5.21
CA GLY A 197 13.85 10.10 6.06
C GLY A 197 13.24 11.32 5.41
N CYS A 198 13.42 11.45 4.10
CA CYS A 198 12.97 12.65 3.42
C CYS A 198 11.57 12.48 2.87
N ILE A 199 11.13 11.24 2.74
CA ILE A 199 9.75 10.93 2.38
C ILE A 199 9.25 9.88 3.38
N GLY A 200 7.91 9.77 3.43
CA GLY A 200 7.25 8.88 4.36
C GLY A 200 5.76 9.11 4.20
N GLU A 201 4.97 8.61 5.16
CA GLU A 201 3.53 8.84 5.17
C GLU A 201 3.20 10.17 5.83
N ASP A 202 2.55 11.06 5.07
CA ASP A 202 2.04 12.27 5.69
C ASP A 202 1.01 11.93 6.76
N PRO A 203 0.84 12.80 7.76
CA PRO A 203 -0.22 12.55 8.76
C PRO A 203 -1.54 12.33 8.08
N GLN A 204 -2.22 11.25 8.48
CA GLN A 204 -3.50 10.88 7.93
C GLN A 204 -4.65 11.26 8.85
N GLY A 205 -5.80 11.51 8.25
CA GLY A 205 -6.97 11.88 9.05
C GLY A 205 -7.44 10.77 9.98
N ILE A 206 -7.60 9.55 9.46
CA ILE A 206 -8.09 8.42 10.24
C ILE A 206 -7.09 7.29 9.92
N PRO A 207 -6.04 7.15 10.71
CA PRO A 207 -5.02 6.15 10.41
C PRO A 207 -5.52 4.74 10.47
N ASN A 208 -4.97 3.89 9.60
CA ASN A 208 -5.37 2.49 9.57
C ASN A 208 -4.64 1.60 10.57
N ASN A 209 -3.52 2.04 11.12
CA ASN A 209 -2.74 1.18 12.00
C ASN A 209 -2.13 2.04 13.08
N LEU A 210 -1.54 1.37 14.08
CA LEU A 210 -1.11 2.09 15.28
C LEU A 210 0.31 2.61 15.25
N MET A 211 1.08 2.36 14.17
CA MET A 211 2.49 2.75 14.19
CA MET A 211 2.47 2.77 14.17
C MET A 211 2.61 4.26 14.28
N PRO A 212 1.82 5.06 13.58
CA PRO A 212 1.93 6.51 13.78
C PRO A 212 1.61 6.93 15.19
N TYR A 213 0.66 6.24 15.85
CA TYR A 213 0.29 6.63 17.19
C TYR A 213 1.42 6.31 18.15
N VAL A 214 2.07 5.18 17.97
CA VAL A 214 3.18 4.85 18.84
CA VAL A 214 3.19 4.85 18.85
C VAL A 214 4.32 5.86 18.68
N SER A 215 4.59 6.27 17.43
CA SER A 215 5.66 7.23 17.27
C SER A 215 5.27 8.57 17.89
N GLN A 216 3.98 8.90 17.86
CA GLN A 216 3.51 10.15 18.46
C GLN A 216 3.53 10.12 19.98
N VAL A 217 3.30 8.99 20.61
CA VAL A 217 3.54 8.88 22.05
C VAL A 217 5.02 9.07 22.34
N ALA A 218 5.87 8.41 21.55
CA ALA A 218 7.31 8.51 21.76
C ALA A 218 7.80 9.96 21.70
N ILE A 219 7.34 10.71 20.70
CA ILE A 219 7.81 12.09 20.52
C ILE A 219 7.16 13.03 21.52
N GLY A 220 6.17 12.56 22.26
CA GLY A 220 5.54 13.33 23.31
C GLY A 220 4.26 14.03 22.95
N ARG A 221 3.70 13.80 21.76
CA ARG A 221 2.45 14.46 21.42
C ARG A 221 1.22 13.74 21.96
N ARG A 222 1.36 12.48 22.36
CA ARG A 222 0.29 11.77 23.04
C ARG A 222 0.84 11.08 24.28
N GLU A 223 -0.03 10.89 25.26
CA GLU A 223 0.42 10.42 26.56
C GLU A 223 0.69 8.93 26.57
N ALA A 224 -0.15 8.14 25.91
CA ALA A 224 -0.04 6.71 26.04
C ALA A 224 -0.78 6.05 24.89
N LEU A 225 -0.38 4.82 24.58
CA LEU A 225 -1.07 3.98 23.61
C LEU A 225 -2.10 3.08 24.31
N ASN A 226 -3.38 3.21 23.90
CA ASN A 226 -4.38 2.24 24.35
C ASN A 226 -4.14 0.92 23.64
N VAL A 227 -4.13 -0.16 24.42
CA VAL A 227 -3.95 -1.54 23.96
C VAL A 227 -5.28 -2.24 24.21
N PHE A 228 -5.93 -2.68 23.15
CA PHE A 228 -7.27 -3.29 23.24
C PHE A 228 -7.15 -4.79 23.49
N GLY A 229 -7.10 -5.15 24.76
CA GLY A 229 -6.99 -6.54 25.14
C GLY A 229 -5.56 -6.98 25.39
N ASN A 230 -5.33 -7.61 26.53
CA ASN A 230 -4.02 -8.25 26.78
C ASN A 230 -4.14 -9.70 27.18
N ASP A 231 -5.26 -10.33 26.89
CA ASP A 231 -5.45 -11.73 27.27
C ASP A 231 -5.77 -12.62 26.06
N TYR A 232 -5.30 -12.22 24.88
CA TYR A 232 -5.40 -13.07 23.68
C TYR A 232 -4.48 -14.28 23.79
N ASP A 233 -4.83 -15.32 23.03
CA ASP A 233 -4.02 -16.54 22.99
C ASP A 233 -2.86 -16.30 22.04
N THR A 234 -1.97 -15.43 22.48
CA THR A 234 -0.76 -15.08 21.74
C THR A 234 0.39 -15.16 22.72
N GLU A 235 1.62 -15.07 22.19
CA GLU A 235 2.82 -15.19 23.01
C GLU A 235 2.78 -14.27 24.21
N ASP A 236 2.32 -13.04 24.02
CA ASP A 236 2.36 -12.04 25.09
C ASP A 236 0.98 -11.53 25.51
N GLY A 237 -0.09 -12.08 24.93
CA GLY A 237 -1.43 -11.71 25.28
C GLY A 237 -1.99 -10.55 24.51
N THR A 238 -1.15 -9.76 23.82
CA THR A 238 -1.65 -8.70 22.96
C THR A 238 -1.83 -9.20 21.53
N GLY A 239 -2.67 -8.48 20.78
CA GLY A 239 -3.02 -8.93 19.44
C GLY A 239 -1.88 -8.82 18.45
N VAL A 240 -1.82 -9.76 17.51
CA VAL A 240 -0.75 -9.88 16.53
C VAL A 240 -1.30 -9.46 15.17
N ARG A 241 -0.60 -8.57 14.50
CA ARG A 241 -1.00 -8.01 13.24
C ARG A 241 0.20 -7.96 12.30
N ASP A 242 -0.05 -7.66 11.04
CA ASP A 242 0.91 -7.82 9.96
C ASP A 242 1.33 -6.44 9.45
N TYR A 243 2.62 -6.15 9.45
CA TYR A 243 3.18 -4.88 9.02
C TYR A 243 4.28 -5.20 8.03
N ILE A 244 4.32 -4.41 6.97
CA ILE A 244 5.34 -4.53 5.92
C ILE A 244 6.00 -3.18 5.71
N HIS A 245 7.33 -3.18 5.60
CA HIS A 245 8.02 -1.93 5.33
C HIS A 245 7.68 -1.47 3.93
N VAL A 246 7.31 -0.20 3.82
CA VAL A 246 6.91 0.38 2.54
C VAL A 246 7.95 0.22 1.45
N VAL A 247 9.25 0.22 1.77
CA VAL A 247 10.26 0.00 0.74
C VAL A 247 10.20 -1.42 0.22
N ASP A 248 10.04 -2.41 1.09
CA ASP A 248 9.87 -3.79 0.61
C ASP A 248 8.61 -3.88 -0.23
N LEU A 249 7.54 -3.24 0.25
CA LEU A 249 6.27 -3.26 -0.48
C LEU A 249 6.43 -2.70 -1.88
N ALA A 250 7.08 -1.53 -1.97
CA ALA A 250 7.35 -0.89 -3.24
C ALA A 250 8.16 -1.80 -4.17
N LYS A 251 9.21 -2.46 -3.63
CA LYS A 251 9.96 -3.42 -4.47
C LYS A 251 9.09 -4.59 -4.93
N GLY A 252 8.11 -5.02 -4.13
CA GLY A 252 7.21 -6.04 -4.58
C GLY A 252 6.38 -5.61 -5.77
N HIS A 253 5.99 -4.33 -5.80
CA HIS A 253 5.27 -3.82 -6.95
C HIS A 253 6.11 -3.82 -8.22
N ILE A 254 7.42 -3.54 -8.09
CA ILE A 254 8.32 -3.64 -9.24
C ILE A 254 8.43 -5.07 -9.68
N ALA A 255 8.50 -5.99 -8.72
CA ALA A 255 8.58 -7.43 -9.07
C ALA A 255 7.34 -7.84 -9.84
N ALA A 256 6.17 -7.34 -9.42
CA ALA A 256 4.94 -7.69 -10.13
C ALA A 256 4.97 -7.15 -11.56
N LEU A 257 5.50 -5.95 -11.70
CA LEU A 257 5.66 -5.35 -13.02
C LEU A 257 6.50 -6.25 -13.93
N ARG A 258 7.61 -6.81 -13.40
CA ARG A 258 8.41 -7.73 -14.19
C ARG A 258 7.64 -9.00 -14.56
N LYS A 259 6.84 -9.50 -13.64
CA LYS A 259 6.05 -10.71 -13.87
C LYS A 259 5.10 -10.55 -15.07
N LEU A 260 4.59 -9.34 -15.28
CA LEU A 260 3.68 -9.11 -16.40
C LEU A 260 4.30 -9.48 -17.73
N LYS A 261 5.63 -9.29 -17.85
CA LYS A 261 6.33 -9.61 -19.09
C LYS A 261 6.29 -11.09 -19.43
N GLU A 262 6.03 -11.96 -18.46
CA GLU A 262 5.93 -13.38 -18.71
C GLU A 262 4.61 -13.76 -19.34
N GLN A 263 3.69 -12.81 -19.48
CA GLN A 263 2.38 -13.09 -20.06
C GLN A 263 1.67 -14.12 -19.22
N CYS A 264 1.68 -13.83 -17.91
CA CYS A 264 1.23 -14.62 -16.79
C CYS A 264 -0.31 -14.73 -16.65
N GLY A 265 -1.10 -13.95 -17.38
CA GLY A 265 -2.53 -13.87 -17.10
C GLY A 265 -2.77 -13.24 -15.74
N CYS A 266 -3.76 -13.74 -15.01
CA CYS A 266 -4.08 -13.18 -13.71
C CYS A 266 -3.32 -13.95 -12.62
N ARG A 267 -2.55 -13.23 -11.81
CA ARG A 267 -1.84 -13.84 -10.70
C ARG A 267 -2.07 -13.03 -9.45
N ILE A 268 -2.04 -13.72 -8.30
CA ILE A 268 -2.33 -13.13 -7.00
C ILE A 268 -1.22 -13.50 -6.03
N TYR A 269 -0.66 -12.52 -5.34
CA TYR A 269 0.43 -12.77 -4.38
C TYR A 269 0.24 -11.95 -3.12
N ASN A 270 0.42 -12.62 -2.00
CA ASN A 270 0.60 -11.91 -0.74
C ASN A 270 2.02 -11.33 -0.67
N LEU A 271 2.12 -10.12 -0.11
CA LEU A 271 3.38 -9.51 0.26
C LEU A 271 3.39 -9.29 1.76
N GLY A 272 4.47 -9.73 2.40
CA GLY A 272 4.63 -9.46 3.83
C GLY A 272 5.90 -10.15 4.28
N THR A 273 6.20 -10.02 5.59
CA THR A 273 7.41 -10.59 6.13
C THR A 273 7.22 -12.02 6.55
N GLY A 274 5.97 -12.46 6.73
CA GLY A 274 5.72 -13.79 7.23
C GLY A 274 5.74 -13.95 8.73
N THR A 275 6.00 -12.89 9.46
CA THR A 275 5.99 -12.89 10.92
C THR A 275 5.10 -11.74 11.38
N GLY A 276 4.01 -12.08 12.05
CA GLY A 276 3.21 -11.06 12.70
C GLY A 276 3.89 -10.49 13.93
N TYR A 277 3.47 -9.27 14.28
CA TYR A 277 4.00 -8.56 15.42
C TYR A 277 2.88 -8.25 16.40
N SER A 278 3.12 -8.45 17.68
CA SER A 278 2.16 -8.09 18.70
C SER A 278 2.21 -6.59 19.03
N VAL A 279 1.15 -6.08 19.66
CA VAL A 279 1.14 -4.67 20.02
C VAL A 279 2.33 -4.36 20.93
N LEU A 280 2.59 -5.21 21.91
CA LEU A 280 3.68 -4.91 22.83
C LEU A 280 5.02 -4.97 22.13
N GLN A 281 5.18 -5.89 21.16
CA GLN A 281 6.44 -5.99 20.42
C GLN A 281 6.66 -4.71 19.63
N MET A 282 5.59 -4.13 19.13
CA MET A 282 5.72 -2.89 18.38
CA MET A 282 5.70 -2.87 18.38
C MET A 282 6.05 -1.72 19.30
N VAL A 283 5.41 -1.65 20.46
CA VAL A 283 5.79 -0.64 21.45
C VAL A 283 7.29 -0.77 21.77
N GLN A 284 7.72 -1.99 22.10
CA GLN A 284 9.10 -2.22 22.51
C GLN A 284 10.08 -1.89 21.40
N ALA A 285 9.77 -2.23 20.15
CA ALA A 285 10.60 -1.86 19.00
C ALA A 285 10.68 -0.35 18.82
N MET A 286 9.56 0.36 18.98
CA MET A 286 9.64 1.80 18.83
C MET A 286 10.34 2.46 20.02
N GLU A 287 10.26 1.89 21.22
CA GLU A 287 11.07 2.41 22.32
C GLU A 287 12.54 2.28 21.99
N LYS A 288 12.95 1.14 21.40
CA LYS A 288 14.36 0.95 21.08
C LYS A 288 14.81 1.89 19.98
N ALA A 289 13.98 2.09 18.96
CA ALA A 289 14.36 2.95 17.86
C ALA A 289 14.38 4.40 18.27
N SER A 290 13.44 4.82 19.13
CA SER A 290 13.35 6.24 19.46
C SER A 290 14.16 6.63 20.68
N GLY A 291 14.54 5.67 21.52
CA GLY A 291 15.19 5.99 22.78
C GLY A 291 14.27 6.53 23.84
N LYS A 292 12.96 6.46 23.62
CA LYS A 292 11.97 7.05 24.51
C LYS A 292 11.06 6.00 25.12
N LYS A 293 10.59 6.25 26.35
CA LYS A 293 9.53 5.44 26.95
C LYS A 293 8.20 5.67 26.21
N ILE A 294 7.47 4.58 25.96
CA ILE A 294 6.16 4.66 25.31
C ILE A 294 5.13 4.04 26.27
N PRO A 295 4.52 4.84 27.12
CA PRO A 295 3.51 4.29 28.01
C PRO A 295 2.34 3.71 27.24
N TYR A 296 1.72 2.72 27.83
CA TYR A 296 0.52 2.14 27.28
C TYR A 296 -0.51 1.96 28.38
N LYS A 297 -1.74 1.76 27.95
CA LYS A 297 -2.85 1.52 28.85
C LYS A 297 -3.65 0.35 28.31
N VAL A 298 -3.71 -0.71 29.09
CA VAL A 298 -4.53 -1.83 28.69
C VAL A 298 -6.01 -1.54 28.94
N VAL A 299 -6.79 -1.57 27.86
CA VAL A 299 -8.24 -1.42 27.90
C VAL A 299 -8.89 -2.71 27.41
N ALA A 300 -10.23 -2.77 27.50
CA ALA A 300 -10.93 -3.99 27.16
C ALA A 300 -10.75 -4.35 25.70
N ARG A 301 -10.78 -5.67 25.40
CA ARG A 301 -10.89 -6.12 24.03
C ARG A 301 -12.05 -5.40 23.36
N ARG A 302 -11.92 -5.15 22.06
CA ARG A 302 -13.06 -4.77 21.21
C ARG A 302 -13.68 -6.04 20.63
N GLU A 303 -14.97 -6.22 20.87
CA GLU A 303 -15.75 -7.27 20.22
C GLU A 303 -15.42 -7.33 18.74
N GLY A 304 -15.12 -8.50 18.27
CA GLY A 304 -14.82 -8.69 16.88
C GLY A 304 -13.36 -8.77 16.55
N ASP A 305 -12.48 -8.22 17.39
CA ASP A 305 -11.06 -8.29 17.10
C ASP A 305 -10.55 -9.72 17.27
N VAL A 306 -9.77 -10.17 16.30
CA VAL A 306 -9.17 -11.50 16.38
C VAL A 306 -7.80 -11.41 17.05
N ALA A 307 -7.36 -12.55 17.56
CA ALA A 307 -6.08 -12.60 18.26
C ALA A 307 -4.92 -12.33 17.33
N ALA A 308 -4.97 -12.89 16.11
CA ALA A 308 -3.78 -12.87 15.26
C ALA A 308 -4.15 -12.88 13.79
N CYS A 309 -3.42 -12.10 13.03
CA CYS A 309 -3.63 -12.00 11.60
C CYS A 309 -2.34 -11.65 10.89
N TYR A 310 -1.90 -12.51 9.98
CA TYR A 310 -0.70 -12.26 9.18
C TYR A 310 -0.68 -13.19 7.98
N ALA A 311 0.07 -12.75 6.98
CA ALA A 311 0.09 -13.42 5.68
C ALA A 311 1.30 -14.32 5.44
N ASN A 312 1.08 -15.34 4.64
CA ASN A 312 2.15 -16.19 4.12
C ASN A 312 2.63 -15.61 2.81
N PRO A 313 3.93 -15.17 2.72
CA PRO A 313 4.47 -14.56 1.51
C PRO A 313 5.31 -15.56 0.68
N SER A 314 5.11 -16.86 0.87
CA SER A 314 5.94 -17.86 0.19
C SER A 314 5.74 -17.85 -1.30
N LEU A 315 4.52 -17.70 -1.78
CA LEU A 315 4.28 -17.79 -3.22
C LEU A 315 4.97 -16.65 -3.95
N ALA A 316 4.98 -15.45 -3.36
CA ALA A 316 5.74 -14.35 -3.96
C ALA A 316 7.23 -14.68 -4.05
N GLN A 317 7.79 -15.37 -3.05
CA GLN A 317 9.21 -15.74 -3.15
C GLN A 317 9.40 -16.72 -4.30
N GLU A 318 8.51 -17.68 -4.44
CA GLU A 318 8.66 -18.71 -5.47
C GLU A 318 8.46 -18.12 -6.87
N GLU A 319 7.47 -17.22 -7.05
CA GLU A 319 7.06 -16.79 -8.39
C GLU A 319 7.46 -15.38 -8.77
N LEU A 320 7.72 -14.50 -7.79
CA LEU A 320 8.25 -13.19 -8.08
C LEU A 320 9.72 -13.05 -7.72
N GLY A 321 10.32 -14.05 -7.06
CA GLY A 321 11.64 -13.85 -6.52
C GLY A 321 11.76 -12.87 -5.40
N TRP A 322 10.64 -12.54 -4.75
CA TRP A 322 10.56 -11.42 -3.82
C TRP A 322 10.55 -11.94 -2.39
N THR A 323 11.32 -11.26 -1.54
CA THR A 323 11.28 -11.44 -0.10
C THR A 323 11.40 -10.07 0.55
N ALA A 324 10.75 -9.90 1.70
CA ALA A 324 10.94 -8.69 2.49
C ALA A 324 12.30 -8.79 3.17
N ALA A 325 13.09 -7.75 3.03
CA ALA A 325 14.39 -7.67 3.69
C ALA A 325 14.38 -6.88 5.00
N LEU A 326 13.33 -6.10 5.26
CA LEU A 326 13.33 -5.15 6.38
C LEU A 326 12.36 -5.60 7.48
N GLY A 327 12.89 -5.79 8.68
CA GLY A 327 12.14 -6.25 9.81
C GLY A 327 11.56 -5.10 10.63
N LEU A 328 10.98 -5.48 11.77
CA LEU A 328 10.27 -4.54 12.60
C LEU A 328 11.18 -3.45 13.11
N ASP A 329 12.42 -3.79 13.49
CA ASP A 329 13.32 -2.75 13.95
C ASP A 329 13.57 -1.70 12.87
N ARG A 330 13.80 -2.13 11.61
CA ARG A 330 13.99 -1.16 10.53
C ARG A 330 12.72 -0.33 10.29
N MET A 331 11.56 -0.97 10.34
CA MET A 331 10.32 -0.22 10.20
C MET A 331 10.29 0.91 11.21
N CYS A 332 10.60 0.60 12.46
CA CYS A 332 10.51 1.61 13.53
C CYS A 332 11.58 2.69 13.37
N GLU A 333 12.81 2.26 13.08
CA GLU A 333 13.90 3.20 12.88
C GLU A 333 13.58 4.16 11.75
N ASP A 334 13.08 3.63 10.63
CA ASP A 334 12.85 4.49 9.47
C ASP A 334 11.63 5.40 9.66
N LEU A 335 10.57 4.90 10.31
CA LEU A 335 9.44 5.75 10.65
C LEU A 335 9.89 6.87 11.56
N TRP A 336 10.67 6.54 12.59
CA TRP A 336 11.12 7.52 13.56
C TRP A 336 11.95 8.60 12.88
N ARG A 337 12.79 8.21 11.92
CA ARG A 337 13.62 9.20 11.22
C ARG A 337 12.74 10.16 10.43
N TRP A 338 11.76 9.62 9.71
CA TRP A 338 10.86 10.47 8.94
C TRP A 338 10.10 11.43 9.85
N GLN A 339 9.59 10.94 10.98
CA GLN A 339 8.87 11.82 11.90
C GLN A 339 9.77 12.88 12.51
N LYS A 340 10.99 12.52 12.87
CA LYS A 340 11.89 13.49 13.49
C LYS A 340 12.30 14.56 12.48
N GLN A 341 12.56 14.16 11.23
CA GLN A 341 12.97 15.13 10.24
C GLN A 341 11.78 15.94 9.70
N ASN A 342 10.56 15.42 9.80
CA ASN A 342 9.38 16.03 9.21
C ASN A 342 8.22 15.86 10.18
N PRO A 343 8.23 16.62 11.28
CA PRO A 343 7.27 16.38 12.35
C PRO A 343 5.81 16.55 11.94
N SER A 344 5.49 17.42 10.97
CA SER A 344 4.14 17.54 10.47
C SER A 344 4.04 17.07 9.04
N GLY A 345 4.98 16.20 8.62
CA GLY A 345 4.97 15.71 7.27
C GLY A 345 5.55 16.73 6.30
N PHE A 346 5.07 16.66 5.06
CA PHE A 346 5.60 17.56 4.04
C PHE A 346 5.20 19.00 4.34
#